data_7AUX
#
_entry.id   7AUX
#
_cell.length_a   71.410
_cell.length_b   72.630
_cell.length_c   125.660
_cell.angle_alpha   90.000
_cell.angle_beta   90.000
_cell.angle_gamma   90.000
#
_symmetry.space_group_name_H-M   'P 21 21 21'
#
loop_
_entity.id
_entity.type
_entity.pdbx_description
1 polymer Beta-lactamase
2 non-polymer 'CHLORIDE ION'
3 non-polymer '6-(4-carboxyphenyl)-3-(4-ethylphenyl)-2~{H}-pyrazolo[3,4-b]pyridine-4-carboxylic acid'
4 water water
#
_entity_poly.entity_id   1
_entity_poly.type   'polypeptide(L)'
_entity_poly.pdbx_seq_one_letter_code
;EWQENKSWNAHFTEHKSQGVVVLWNENKQQGFTNNLKRANQAFLPASTF(KCX)IPNSLIALDLGVVKDEHQVFKWDGQT
RDIATWNRDHNLITAMKYSVVPVYQEFARQIGEARMSKMLHAFDYGNEDISGNVDSFWLDGGIRISATEQISFLRKLYHN
KLHVSERSQRIVKQAMLTEANGDYIIRAKTGYSTRIEPKIGWWVGWVELDDNVWFFAMNMDMPTSDGLGLRQAITKEVLK
QEKIIP
;
_entity_poly.pdbx_strand_id   A,B
#
loop_
_chem_comp.id
_chem_comp.type
_chem_comp.name
_chem_comp.formula
CL non-polymer 'CHLORIDE ION' 'Cl -1'
LKW non-polymer '6-(4-carboxyphenyl)-3-(4-ethylphenyl)-2~{H}-pyrazolo[3,4-b]pyridine-4-carboxylic acid' 'C22 H17 N3 O4'
#
# COMPACT_ATOMS: atom_id res chain seq x y z
N GLU A 1 15.71 22.69 15.49
CA GLU A 1 14.77 22.19 14.48
C GLU A 1 15.45 21.34 13.42
N TRP A 2 16.66 21.74 13.03
CA TRP A 2 17.49 20.91 12.15
C TRP A 2 18.76 20.51 12.86
N GLN A 3 19.14 19.26 12.67
CA GLN A 3 20.41 18.79 13.15
C GLN A 3 21.18 18.21 11.99
N GLU A 4 22.48 18.48 11.96
CA GLU A 4 23.35 17.89 10.98
C GLU A 4 24.03 16.73 11.64
N ASN A 5 24.05 15.58 10.95
CA ASN A 5 24.71 14.38 11.44
C ASN A 5 25.63 13.82 10.37
N LYS A 6 26.87 14.28 10.33
CA LYS A 6 27.75 13.92 9.25
C LYS A 6 28.31 12.54 9.44
N SER A 7 27.98 11.87 10.55
CA SER A 7 28.34 10.47 10.68
C SER A 7 27.72 9.66 9.53
N TRP A 8 26.52 10.06 9.11
CA TRP A 8 25.85 9.43 7.97
C TRP A 8 26.70 9.42 6.71
N ASN A 9 27.62 10.37 6.59
CA ASN A 9 28.47 10.45 5.41
C ASN A 9 29.27 9.18 5.17
N ALA A 10 29.44 8.37 6.21
CA ALA A 10 30.07 7.05 6.08
C ALA A 10 29.36 6.16 5.05
N HIS A 11 28.04 6.18 5.09
CA HIS A 11 27.22 5.31 4.24
C HIS A 11 27.40 5.70 2.78
N PHE A 12 27.77 6.95 2.57
CA PHE A 12 28.07 7.42 1.22
C PHE A 12 29.46 7.01 0.79
N THR A 13 30.44 7.21 1.67
CA THR A 13 31.84 6.92 1.34
C THR A 13 32.19 5.46 1.52
N GLU A 14 31.19 4.64 1.82
CA GLU A 14 31.37 3.20 1.80
C GLU A 14 31.08 2.70 0.39
N HIS A 15 30.62 3.60 -0.47
CA HIS A 15 30.30 3.24 -1.84
C HIS A 15 30.92 4.23 -2.79
N LYS A 16 31.95 4.94 -2.29
CA LYS A 16 32.69 5.94 -3.05
C LYS A 16 31.77 6.95 -3.72
N SER A 17 30.76 7.37 -2.97
CA SER A 17 29.77 8.29 -3.50
C SER A 17 29.64 9.50 -2.59
N GLN A 18 28.93 10.51 -3.08
CA GLN A 18 28.55 11.62 -2.24
C GLN A 18 27.12 12.03 -2.54
N GLY A 19 26.44 12.54 -1.53
CA GLY A 19 25.07 12.98 -1.68
C GLY A 19 24.51 13.42 -0.35
N VAL A 20 23.19 13.56 -0.28
CA VAL A 20 22.55 13.98 0.94
C VAL A 20 21.32 13.11 1.19
N VAL A 21 21.06 12.84 2.46
CA VAL A 21 19.82 12.27 2.91
C VAL A 21 19.22 13.28 3.85
N VAL A 22 17.93 13.56 3.69
CA VAL A 22 17.22 14.44 4.61
C VAL A 22 16.08 13.64 5.22
N LEU A 23 16.02 13.62 6.56
CA LEU A 23 14.93 12.97 7.30
C LEU A 23 14.10 14.00 8.05
N TRP A 24 12.79 13.73 8.17
CA TRP A 24 11.89 14.60 8.94
C TRP A 24 11.00 13.76 9.84
N ASN A 25 11.22 13.88 11.14
CA ASN A 25 10.38 13.25 12.15
C ASN A 25 9.08 14.04 12.28
N GLU A 26 7.99 13.52 11.76
CA GLU A 26 6.73 14.27 11.72
C GLU A 26 6.12 14.51 13.10
N ASN A 27 6.21 13.52 13.99
CA ASN A 27 5.73 13.68 15.36
C ASN A 27 6.40 14.84 16.09
N LYS A 28 7.73 14.88 16.02
CA LYS A 28 8.50 15.90 16.73
C LYS A 28 8.74 17.17 15.91
N GLN A 29 8.37 17.13 14.63
CA GLN A 29 8.65 18.22 13.69
C GLN A 29 10.11 18.65 13.81
N GLN A 30 11.00 17.71 13.52
CA GLN A 30 12.44 17.97 13.55
C GLN A 30 13.07 17.30 12.35
N GLY A 31 14.08 17.95 11.80
CA GLY A 31 14.78 17.45 10.63
C GLY A 31 16.23 17.08 10.88
N PHE A 32 16.71 16.15 10.07
CA PHE A 32 18.05 15.62 10.18
C PHE A 32 18.62 15.44 8.80
N THR A 33 19.89 15.76 8.66
CA THR A 33 20.56 15.57 7.38
C THR A 33 22.06 15.40 7.64
N ASN A 34 22.79 14.84 6.68
CA ASN A 34 24.24 14.74 6.81
C ASN A 34 24.92 15.99 6.26
N ASN A 35 24.16 16.79 5.51
CA ASN A 35 24.71 17.94 4.78
C ASN A 35 23.67 19.06 4.62
N LEU A 36 23.66 20.00 5.55
CA LEU A 36 22.68 21.10 5.55
C LEU A 36 22.71 21.85 4.26
N LYS A 37 23.90 22.09 3.73
CA LYS A 37 24.01 22.84 2.50
C LYS A 37 23.39 22.12 1.30
N ARG A 38 23.76 20.87 1.09
CA ARG A 38 23.26 20.15 -0.09
C ARG A 38 21.76 19.85 0.05
N ALA A 39 21.29 19.77 1.29
CA ALA A 39 19.87 19.59 1.58
C ALA A 39 19.07 20.69 0.90
N ASN A 40 19.64 21.89 0.84
CA ASN A 40 18.94 23.04 0.28
C ASN A 40 19.42 23.46 -1.11
N GLN A 41 20.20 22.60 -1.76
CA GLN A 41 20.56 22.84 -3.15
C GLN A 41 19.48 22.25 -4.05
N ALA A 42 19.02 23.03 -5.02
CA ALA A 42 17.92 22.57 -5.88
C ALA A 42 18.47 21.92 -7.14
N PHE A 43 17.85 20.81 -7.52
CA PHE A 43 18.20 20.14 -8.76
C PHE A 43 16.93 19.91 -9.60
N LEU A 44 17.14 19.44 -10.82
CA LEU A 44 16.06 18.86 -11.60
C LEU A 44 15.42 17.74 -10.77
N PRO A 45 14.08 17.74 -10.68
CA PRO A 45 13.37 16.67 -9.96
C PRO A 45 13.44 15.35 -10.70
N ALA A 46 13.60 15.43 -12.02
CA ALA A 46 13.55 14.27 -12.90
C ALA A 46 12.30 13.47 -12.55
N SER A 47 12.42 12.15 -12.52
CA SER A 47 11.22 11.33 -12.42
C SER A 47 10.52 11.41 -11.06
N THR A 48 11.12 12.09 -10.08
CA THR A 48 10.37 12.38 -8.86
C THR A 48 9.21 13.28 -9.19
N PHE A 49 9.30 13.97 -10.32
CA PHE A 49 8.23 14.84 -10.77
C PHE A 49 6.98 14.03 -11.17
N KCX A 50 7.10 12.72 -11.24
CA KCX A 50 5.98 11.87 -11.54
CB KCX A 50 6.35 10.43 -11.81
CG KCX A 50 7.01 10.37 -13.17
CD KCX A 50 7.36 8.96 -13.58
CE KCX A 50 7.68 8.85 -15.04
NZ KCX A 50 9.02 9.22 -15.29
C KCX A 50 4.99 11.97 -10.43
O KCX A 50 3.84 11.70 -10.64
CX KCX A 50 9.38 10.45 -15.55
OQ1 KCX A 50 8.51 11.31 -15.96
OQ2 KCX A 50 10.51 10.82 -15.41
N ILE A 51 5.39 12.36 -9.25
CA ILE A 51 4.42 12.53 -8.17
C ILE A 51 3.46 13.71 -8.48
N PRO A 52 3.99 14.94 -8.65
CA PRO A 52 2.99 15.99 -8.97
C PRO A 52 2.30 15.80 -10.32
N ASN A 53 3.02 15.31 -11.32
CA ASN A 53 2.47 15.10 -12.65
C ASN A 53 1.28 14.15 -12.62
N SER A 54 1.38 13.08 -11.81
CA SER A 54 0.28 12.13 -11.63
C SER A 54 -0.92 12.78 -10.97
N LEU A 55 -0.66 13.55 -9.91
CA LEU A 55 -1.73 14.25 -9.18
C LEU A 55 -2.50 15.16 -10.13
N ILE A 56 -1.78 15.81 -11.04
CA ILE A 56 -2.41 16.77 -11.94
C ILE A 56 -3.22 16.03 -13.02
N ALA A 57 -2.56 15.10 -13.69
CA ALA A 57 -3.24 14.26 -14.68
C ALA A 57 -4.52 13.65 -14.13
N LEU A 58 -4.47 13.17 -12.89
CA LEU A 58 -5.63 12.57 -12.28
C LEU A 58 -6.74 13.58 -12.04
N ASP A 59 -6.36 14.73 -11.51
CA ASP A 59 -7.34 15.68 -11.01
C ASP A 59 -8.08 16.39 -12.15
N LEU A 60 -7.51 16.37 -13.34
CA LEU A 60 -8.17 16.93 -14.51
C LEU A 60 -8.91 15.86 -15.32
N GLY A 61 -8.34 14.66 -15.43
CA GLY A 61 -9.05 13.58 -16.10
C GLY A 61 -8.23 12.92 -17.18
N VAL A 62 -7.03 13.44 -17.41
CA VAL A 62 -6.08 12.81 -18.31
C VAL A 62 -5.91 11.35 -17.92
N VAL A 63 -6.07 11.08 -16.62
CA VAL A 63 -6.08 9.72 -16.10
C VAL A 63 -7.34 9.50 -15.29
N LYS A 64 -8.13 8.51 -15.68
CA LYS A 64 -9.42 8.24 -15.02
C LYS A 64 -9.20 7.55 -13.67
N ASP A 65 -8.35 6.53 -13.67
CA ASP A 65 -8.03 5.82 -12.43
C ASP A 65 -6.72 5.06 -12.56
N GLU A 66 -6.37 4.31 -11.52
CA GLU A 66 -5.09 3.64 -11.51
C GLU A 66 -5.14 2.38 -12.39
N HIS A 67 -6.33 1.98 -12.84
CA HIS A 67 -6.47 0.78 -13.68
C HIS A 67 -6.39 1.06 -15.19
N GLN A 68 -6.69 2.28 -15.60
CA GLN A 68 -6.67 2.66 -17.02
C GLN A 68 -5.35 2.32 -17.68
N VAL A 69 -5.41 1.75 -18.88
CA VAL A 69 -4.18 1.36 -19.57
C VAL A 69 -3.69 2.44 -20.56
N PHE A 70 -2.37 2.56 -20.65
CA PHE A 70 -1.73 3.42 -21.62
C PHE A 70 -0.85 2.51 -22.44
N LYS A 71 -1.27 2.24 -23.67
CA LYS A 71 -0.60 1.23 -24.49
C LYS A 71 0.75 1.69 -25.00
N TRP A 72 1.69 0.76 -25.08
CA TRP A 72 2.96 1.04 -25.72
C TRP A 72 2.75 1.62 -27.12
N ASP A 73 3.57 2.58 -27.50
CA ASP A 73 3.44 3.18 -28.84
C ASP A 73 4.30 2.45 -29.87
N GLY A 74 4.94 1.36 -29.45
CA GLY A 74 5.77 0.58 -30.34
C GLY A 74 7.18 1.10 -30.52
N GLN A 75 7.45 2.27 -29.96
CA GLN A 75 8.80 2.83 -30.02
C GLN A 75 9.68 2.15 -28.98
N THR A 76 10.71 1.46 -29.43
CA THR A 76 11.57 0.73 -28.52
C THR A 76 12.61 1.65 -27.88
N ARG A 77 12.56 1.74 -26.56
CA ARG A 77 13.44 2.68 -25.85
C ARG A 77 14.48 1.94 -25.00
N ASP A 78 15.38 2.70 -24.39
CA ASP A 78 16.51 2.11 -23.69
C ASP A 78 16.10 1.24 -22.49
N ILE A 79 15.03 1.62 -21.80
CA ILE A 79 14.59 0.87 -20.64
C ILE A 79 13.57 -0.20 -21.05
N ALA A 80 13.93 -1.46 -20.83
CA ALA A 80 13.12 -2.56 -21.32
C ALA A 80 11.69 -2.48 -20.79
N THR A 81 11.55 -2.13 -19.52
CA THR A 81 10.24 -2.13 -18.89
C THR A 81 9.32 -1.06 -19.45
N TRP A 82 9.88 -0.08 -20.15
CA TRP A 82 9.05 0.96 -20.79
C TRP A 82 8.33 0.47 -22.04
N ASN A 83 8.87 -0.57 -22.67
CA ASN A 83 8.34 -1.01 -23.97
C ASN A 83 7.24 -2.04 -23.81
N ARG A 84 6.13 -1.58 -23.25
CA ARG A 84 5.00 -2.44 -22.92
C ARG A 84 3.87 -1.56 -22.47
N ASP A 85 2.70 -2.15 -22.26
CA ASP A 85 1.55 -1.40 -21.78
C ASP A 85 1.74 -1.08 -20.30
N HIS A 86 1.04 -0.07 -19.83
CA HIS A 86 1.20 0.38 -18.45
C HIS A 86 -0.07 1.00 -17.92
N ASN A 87 -0.27 0.92 -16.61
CA ASN A 87 -1.26 1.75 -15.95
C ASN A 87 -0.48 2.72 -15.09
N LEU A 88 -1.18 3.47 -14.25
CA LEU A 88 -0.52 4.43 -13.38
C LEU A 88 0.41 3.71 -12.40
N ILE A 89 -0.01 2.57 -11.86
CA ILE A 89 0.80 1.87 -10.87
C ILE A 89 2.13 1.45 -11.46
N THR A 90 2.11 0.79 -12.62
CA THR A 90 3.36 0.27 -13.16
C THR A 90 4.23 1.37 -13.81
N ALA A 91 3.60 2.44 -14.31
CA ALA A 91 4.40 3.52 -14.94
C ALA A 91 5.21 4.25 -13.89
N MET A 92 4.65 4.37 -12.69
CA MET A 92 5.34 4.93 -11.54
C MET A 92 6.49 4.03 -11.13
N LYS A 93 6.15 2.76 -10.93
CA LYS A 93 7.09 1.75 -10.47
C LYS A 93 8.32 1.70 -11.37
N TYR A 94 8.08 1.78 -12.68
CA TYR A 94 9.16 1.64 -13.65
C TYR A 94 9.58 2.98 -14.28
N SER A 95 9.03 4.08 -13.78
CA SER A 95 9.43 5.43 -14.23
C SER A 95 9.32 5.60 -15.74
N VAL A 96 8.18 5.21 -16.29
CA VAL A 96 7.99 5.21 -17.73
C VAL A 96 7.71 6.63 -18.22
N VAL A 97 8.79 7.35 -18.50
CA VAL A 97 8.72 8.74 -18.95
C VAL A 97 7.74 8.97 -20.13
N PRO A 98 7.80 8.15 -21.20
CA PRO A 98 6.89 8.40 -22.32
C PRO A 98 5.42 8.51 -21.93
N VAL A 99 4.98 7.72 -20.96
CA VAL A 99 3.60 7.79 -20.53
C VAL A 99 3.27 9.14 -19.89
N TYR A 100 4.21 9.66 -19.11
CA TYR A 100 4.06 10.95 -18.44
C TYR A 100 4.30 12.12 -19.39
N GLN A 101 5.20 11.96 -20.35
CA GLN A 101 5.38 12.95 -21.42
C GLN A 101 4.04 13.15 -22.14
N GLU A 102 3.38 12.05 -22.48
CA GLU A 102 2.04 12.14 -23.08
C GLU A 102 1.07 12.81 -22.13
N PHE A 103 1.18 12.54 -20.84
CA PHE A 103 0.37 13.22 -19.84
C PHE A 103 0.59 14.74 -19.93
N ALA A 104 1.85 15.12 -20.04
CA ALA A 104 2.23 16.53 -20.01
C ALA A 104 1.61 17.26 -21.20
N ARG A 105 1.80 16.73 -22.40
CA ARG A 105 1.24 17.31 -23.62
C ARG A 105 -0.27 17.47 -23.50
N GLN A 106 -0.94 16.48 -22.94
CA GLN A 106 -2.38 16.62 -22.70
C GLN A 106 -2.63 17.64 -21.61
N ILE A 107 -1.65 17.84 -20.73
CA ILE A 107 -1.85 18.74 -19.62
C ILE A 107 -1.70 20.19 -20.08
N GLY A 108 -0.69 20.45 -20.88
CA GLY A 108 -0.49 21.78 -21.44
C GLY A 108 0.08 22.76 -20.44
N GLU A 109 1.02 23.58 -20.93
CA GLU A 109 1.78 24.49 -20.09
C GLU A 109 0.90 25.37 -19.20
N ALA A 110 -0.25 25.79 -19.71
CA ALA A 110 -1.12 26.67 -18.93
C ALA A 110 -1.56 26.00 -17.64
N ARG A 111 -2.11 24.80 -17.74
CA ARG A 111 -2.62 24.12 -16.55
C ARG A 111 -1.48 23.58 -15.69
N MET A 112 -0.36 23.24 -16.31
CA MET A 112 0.79 22.73 -15.59
C MET A 112 1.36 23.80 -14.68
N SER A 113 1.73 24.93 -15.30
CA SER A 113 2.24 26.07 -14.57
C SER A 113 1.33 26.44 -13.41
N LYS A 114 0.03 26.51 -13.70
CA LYS A 114 -0.95 26.82 -12.67
C LYS A 114 -0.82 25.91 -11.45
N MET A 115 -0.87 24.60 -11.69
CA MET A 115 -0.92 23.62 -10.60
C MET A 115 0.32 23.65 -9.74
N LEU A 116 1.48 23.66 -10.39
CA LEU A 116 2.77 23.70 -9.70
C LEU A 116 2.88 24.94 -8.83
N HIS A 117 2.24 26.03 -9.26
CA HIS A 117 2.20 27.24 -8.43
C HIS A 117 1.32 26.99 -7.22
N ALA A 118 0.19 26.34 -7.44
CA ALA A 118 -0.72 26.01 -6.36
C ALA A 118 -0.10 24.98 -5.40
N PHE A 119 0.81 24.15 -5.91
CA PHE A 119 1.51 23.14 -5.09
C PHE A 119 2.70 23.73 -4.31
N ASP A 120 3.13 24.93 -4.69
CA ASP A 120 4.36 25.54 -4.17
C ASP A 120 5.54 24.59 -4.37
N TYR A 121 5.66 24.09 -5.58
CA TYR A 121 6.58 23.01 -5.90
C TYR A 121 7.91 23.54 -6.46
N GLY A 122 8.97 23.42 -5.68
CA GLY A 122 10.29 23.82 -6.14
C GLY A 122 10.24 25.28 -6.56
N ASN A 123 10.91 25.59 -7.66
CA ASN A 123 10.91 26.95 -8.19
C ASN A 123 9.70 27.25 -9.07
N GLU A 124 8.80 26.27 -9.17
CA GLU A 124 7.50 26.45 -9.84
C GLU A 124 7.65 26.96 -11.27
N ASP A 125 8.72 26.56 -11.95
CA ASP A 125 9.07 27.11 -13.25
C ASP A 125 9.25 26.03 -14.30
N ILE A 126 8.41 26.04 -15.33
CA ILE A 126 8.37 24.95 -16.31
C ILE A 126 9.00 25.26 -17.66
N SER A 127 9.89 26.25 -17.68
CA SER A 127 10.63 26.63 -18.89
C SER A 127 11.27 25.44 -19.58
N GLY A 128 10.97 25.28 -20.86
CA GLY A 128 11.45 24.15 -21.64
C GLY A 128 10.28 23.48 -22.34
N ASN A 129 10.52 22.32 -22.95
CA ASN A 129 9.43 21.57 -23.56
C ASN A 129 8.40 21.21 -22.52
N VAL A 130 7.14 21.39 -22.86
CA VAL A 130 6.05 21.07 -21.95
C VAL A 130 6.06 19.58 -21.58
N ASP A 131 6.77 18.78 -22.36
CA ASP A 131 6.80 17.34 -22.17
C ASP A 131 8.18 16.85 -21.78
N SER A 132 9.03 17.76 -21.32
CA SER A 132 10.36 17.34 -20.86
C SER A 132 11.02 18.31 -19.87
N PHE A 133 10.26 19.27 -19.35
CA PHE A 133 10.90 20.32 -18.56
C PHE A 133 11.45 19.80 -17.23
N TRP A 134 10.88 18.71 -16.71
CA TRP A 134 11.37 18.17 -15.43
C TRP A 134 12.63 17.33 -15.60
N LEU A 135 13.00 17.09 -16.85
CA LEU A 135 14.20 16.34 -17.17
C LEU A 135 15.30 17.23 -17.71
N ASP A 136 14.93 18.25 -18.49
CA ASP A 136 15.95 19.12 -19.08
C ASP A 136 15.56 20.59 -19.14
N GLY A 137 14.46 20.95 -18.45
CA GLY A 137 13.98 22.32 -18.42
C GLY A 137 14.40 23.14 -17.21
N GLY A 138 13.51 24.01 -16.76
CA GLY A 138 13.87 25.01 -15.75
C GLY A 138 13.48 24.70 -14.33
N ILE A 139 12.65 23.67 -14.14
CA ILE A 139 12.18 23.31 -12.82
C ILE A 139 13.35 22.83 -11.96
N ARG A 140 13.34 23.25 -10.71
CA ARG A 140 14.36 22.85 -9.75
C ARG A 140 13.71 22.67 -8.39
N ILE A 141 14.25 21.74 -7.61
CA ILE A 141 13.73 21.52 -6.30
C ILE A 141 14.84 20.95 -5.44
N SER A 142 14.82 21.28 -4.16
CA SER A 142 15.83 20.80 -3.23
C SER A 142 15.23 19.66 -2.40
N ALA A 143 16.10 18.93 -1.72
CA ALA A 143 15.69 17.84 -0.85
C ALA A 143 14.72 18.35 0.21
N THR A 144 15.02 19.48 0.84
CA THR A 144 14.12 19.98 1.88
C THR A 144 12.75 20.36 1.31
N GLU A 145 12.77 20.93 0.11
CA GLU A 145 11.55 21.32 -0.57
C GLU A 145 10.72 20.09 -0.98
N GLN A 146 11.40 19.01 -1.38
CA GLN A 146 10.72 17.74 -1.68
C GLN A 146 9.88 17.31 -0.48
N ILE A 147 10.50 17.41 0.69
CA ILE A 147 9.86 17.03 1.94
C ILE A 147 8.65 17.91 2.23
N SER A 148 8.76 19.22 1.99
CA SER A 148 7.63 20.14 2.17
C SER A 148 6.41 19.72 1.34
N PHE A 149 6.67 19.47 0.07
CA PHE A 149 5.64 18.97 -0.83
C PHE A 149 5.06 17.63 -0.35
N LEU A 150 5.92 16.68 -0.02
CA LEU A 150 5.46 15.34 0.38
C LEU A 150 4.58 15.35 1.64
N ARG A 151 4.86 16.27 2.56
CA ARG A 151 4.06 16.35 3.78
C ARG A 151 2.64 16.83 3.48
N LYS A 152 2.52 17.70 2.49
CA LYS A 152 1.22 18.19 2.08
C LYS A 152 0.43 17.05 1.46
N LEU A 153 1.11 16.29 0.60
CA LEU A 153 0.51 15.11 -0.02
C LEU A 153 0.05 14.12 1.04
N TYR A 154 0.92 13.82 1.99
CA TYR A 154 0.58 12.87 3.05
C TYR A 154 -0.67 13.30 3.81
N HIS A 155 -0.77 14.59 4.11
CA HIS A 155 -1.89 15.10 4.92
C HIS A 155 -3.11 15.48 4.09
N ASN A 156 -3.05 15.21 2.78
CA ASN A 156 -4.12 15.53 1.85
C ASN A 156 -4.40 17.01 1.78
N LYS A 157 -3.35 17.80 1.94
CA LYS A 157 -3.48 19.26 1.99
C LYS A 157 -3.21 19.93 0.65
N LEU A 158 -2.86 19.17 -0.37
CA LEU A 158 -2.61 19.76 -1.68
C LEU A 158 -3.93 20.17 -2.35
N HIS A 159 -3.83 21.11 -3.29
CA HIS A 159 -5.02 21.64 -3.95
C HIS A 159 -5.45 20.77 -5.13
N VAL A 160 -5.74 19.51 -4.82
CA VAL A 160 -6.40 18.59 -5.72
C VAL A 160 -7.36 17.79 -4.85
N SER A 161 -8.24 17.00 -5.46
CA SER A 161 -9.20 16.20 -4.68
C SER A 161 -8.47 15.24 -3.77
N GLU A 162 -9.13 14.84 -2.68
CA GLU A 162 -8.66 13.76 -1.83
C GLU A 162 -8.40 12.51 -2.67
N ARG A 163 -9.32 12.20 -3.60
CA ARG A 163 -9.20 11.01 -4.43
C ARG A 163 -7.89 10.97 -5.20
N SER A 164 -7.59 12.07 -5.88
CA SER A 164 -6.35 12.17 -6.63
C SER A 164 -5.16 11.88 -5.72
N GLN A 165 -5.24 12.37 -4.49
CA GLN A 165 -4.10 12.27 -3.58
C GLN A 165 -3.98 10.85 -3.04
N ARG A 166 -5.12 10.23 -2.72
CA ARG A 166 -5.12 8.85 -2.25
C ARG A 166 -4.60 7.91 -3.33
N ILE A 167 -4.89 8.22 -4.58
CA ILE A 167 -4.53 7.32 -5.67
C ILE A 167 -3.03 7.39 -5.90
N VAL A 168 -2.48 8.61 -5.91
CA VAL A 168 -1.05 8.76 -6.12
C VAL A 168 -0.24 8.14 -4.98
N LYS A 169 -0.75 8.23 -3.76
CA LYS A 169 -0.09 7.61 -2.62
C LYS A 169 -0.12 6.08 -2.74
N GLN A 170 -1.23 5.55 -3.26
CA GLN A 170 -1.25 4.13 -3.55
C GLN A 170 -0.19 3.78 -4.57
N ALA A 171 -0.07 4.60 -5.62
CA ALA A 171 0.88 4.33 -6.68
C ALA A 171 2.32 4.53 -6.23
N MET A 172 2.52 5.27 -5.15
CA MET A 172 3.86 5.44 -4.61
C MET A 172 4.30 4.23 -3.79
N LEU A 173 3.37 3.34 -3.48
CA LEU A 173 3.74 2.18 -2.64
C LEU A 173 4.98 1.47 -3.21
N THR A 174 5.98 1.32 -2.35
CA THR A 174 7.24 0.75 -2.78
C THR A 174 7.60 -0.51 -1.99
N GLU A 175 7.41 -0.45 -0.68
CA GLU A 175 7.73 -1.60 0.18
C GLU A 175 6.87 -1.58 1.44
N ALA A 176 6.44 -2.76 1.87
CA ALA A 176 5.65 -2.87 3.10
C ALA A 176 5.90 -4.22 3.77
N ASN A 177 5.89 -4.23 5.08
CA ASN A 177 6.01 -5.47 5.86
C ASN A 177 5.47 -5.15 7.24
N GLY A 178 5.70 -6.05 8.20
CA GLY A 178 5.17 -5.87 9.54
C GLY A 178 5.81 -4.72 10.32
N ASP A 179 6.92 -4.22 9.80
CA ASP A 179 7.68 -3.20 10.53
C ASP A 179 7.47 -1.79 9.98
N TYR A 180 7.29 -1.68 8.67
CA TYR A 180 7.15 -0.36 8.08
C TYR A 180 6.50 -0.40 6.70
N ILE A 181 6.11 0.79 6.24
CA ILE A 181 5.59 0.99 4.89
C ILE A 181 6.39 2.09 4.25
N ILE A 182 6.88 1.86 3.04
CA ILE A 182 7.57 2.91 2.30
C ILE A 182 6.78 3.28 1.05
N ARG A 183 6.41 4.56 0.97
CA ARG A 183 5.83 5.16 -0.22
C ARG A 183 6.86 6.14 -0.71
N ALA A 184 7.28 6.00 -1.96
CA ALA A 184 8.39 6.79 -2.45
C ALA A 184 8.43 6.86 -3.97
N LYS A 185 9.28 7.73 -4.50
CA LYS A 185 9.52 7.81 -5.92
C LYS A 185 11.01 8.02 -6.18
N THR A 186 11.56 7.24 -7.11
CA THR A 186 12.95 7.36 -7.55
C THR A 186 13.06 8.36 -8.69
N GLY A 187 14.28 8.82 -8.94
CA GLY A 187 14.54 9.74 -10.03
C GLY A 187 15.96 9.58 -10.50
N TYR A 188 16.17 9.69 -11.81
CA TYR A 188 17.51 9.74 -12.40
C TYR A 188 17.56 10.92 -13.36
N SER A 189 18.42 11.88 -13.03
CA SER A 189 18.58 13.06 -13.87
C SER A 189 19.86 12.91 -14.67
N THR A 190 19.71 12.60 -15.97
CA THR A 190 20.84 12.31 -16.85
C THR A 190 21.09 13.34 -17.94
N ARG A 191 20.08 14.11 -18.30
CA ARG A 191 20.18 15.02 -19.42
C ARG A 191 21.03 16.28 -19.16
N ILE A 192 21.20 16.64 -17.89
CA ILE A 192 21.94 17.87 -17.55
C ILE A 192 22.87 17.65 -16.36
N GLU A 193 24.07 18.22 -16.40
CA GLU A 193 24.99 18.10 -15.29
C GLU A 193 24.50 18.91 -14.09
N PRO A 194 24.80 18.46 -12.87
CA PRO A 194 25.45 17.16 -12.60
C PRO A 194 24.43 16.02 -12.63
N LYS A 195 24.87 14.83 -13.05
CA LYS A 195 23.99 13.67 -13.07
C LYS A 195 23.74 13.21 -11.64
N ILE A 196 22.49 13.17 -11.25
CA ILE A 196 22.16 12.80 -9.88
C ILE A 196 21.02 11.79 -9.80
N GLY A 197 21.02 10.99 -8.74
CA GLY A 197 19.90 10.10 -8.47
C GLY A 197 19.07 10.65 -7.33
N TRP A 198 17.76 10.47 -7.39
CA TRP A 198 16.83 10.90 -6.33
C TRP A 198 16.14 9.71 -5.68
N TRP A 199 15.82 9.80 -4.39
CA TRP A 199 14.79 8.94 -3.80
C TRP A 199 14.04 9.74 -2.74
N VAL A 200 12.74 9.94 -2.93
CA VAL A 200 11.99 10.76 -1.99
C VAL A 200 10.68 10.07 -1.62
N GLY A 201 10.23 10.29 -0.39
CA GLY A 201 8.99 9.67 0.06
C GLY A 201 8.87 9.70 1.57
N TRP A 202 8.30 8.65 2.14
CA TRP A 202 8.22 8.55 3.58
C TRP A 202 8.09 7.11 4.05
N VAL A 203 8.43 6.91 5.33
CA VAL A 203 8.32 5.63 6.00
C VAL A 203 7.20 5.77 7.02
N GLU A 204 6.15 4.98 6.84
CA GLU A 204 5.05 4.97 7.79
C GLU A 204 5.32 3.91 8.84
N LEU A 205 5.32 4.32 10.11
CA LEU A 205 5.36 3.39 11.23
C LEU A 205 4.00 3.36 11.91
N ASP A 206 3.83 2.47 12.89
CA ASP A 206 2.58 2.37 13.65
C ASP A 206 2.13 3.72 14.17
N ASP A 207 3.05 4.48 14.78
CA ASP A 207 2.65 5.73 15.44
C ASP A 207 3.52 6.94 15.10
N ASN A 208 4.18 6.89 13.96
CA ASN A 208 4.89 8.06 13.45
C ASN A 208 5.14 7.90 11.95
N VAL A 209 5.53 8.98 11.30
CA VAL A 209 5.95 8.90 9.92
C VAL A 209 7.24 9.69 9.76
N TRP A 210 8.20 9.07 9.07
CA TRP A 210 9.46 9.75 8.70
C TRP A 210 9.48 10.01 7.22
N PHE A 211 9.48 11.28 6.87
CA PHE A 211 9.66 11.71 5.50
C PHE A 211 11.13 11.70 5.15
N PHE A 212 11.44 11.40 3.89
CA PHE A 212 12.82 11.46 3.48
C PHE A 212 12.94 11.97 2.06
N ALA A 213 14.07 12.61 1.79
CA ALA A 213 14.43 13.02 0.44
C ALA A 213 15.95 12.85 0.35
N MET A 214 16.41 12.12 -0.65
CA MET A 214 17.85 11.92 -0.79
C MET A 214 18.25 12.15 -2.22
N ASN A 215 19.45 12.68 -2.42
CA ASN A 215 20.00 12.68 -3.77
C ASN A 215 21.50 12.52 -3.69
N MET A 216 22.07 11.97 -4.76
CA MET A 216 23.46 11.59 -4.79
C MET A 216 23.99 11.70 -6.21
N ASP A 217 25.30 11.95 -6.34
CA ASP A 217 25.91 12.00 -7.66
C ASP A 217 25.79 10.64 -8.34
N MET A 218 25.31 10.63 -9.57
CA MET A 218 25.10 9.39 -10.28
C MET A 218 25.73 9.46 -11.68
N PRO A 219 27.04 9.20 -11.76
CA PRO A 219 27.76 9.21 -13.05
C PRO A 219 27.17 8.20 -14.04
N THR A 220 27.04 6.95 -13.62
CA THR A 220 26.45 5.91 -14.46
C THR A 220 25.26 5.28 -13.76
N SER A 221 24.43 4.57 -14.53
CA SER A 221 23.24 3.94 -13.98
C SER A 221 23.56 2.74 -13.09
N ASP A 222 24.84 2.40 -12.98
CA ASP A 222 25.24 1.23 -12.22
C ASP A 222 25.11 1.45 -10.72
N GLY A 223 25.17 2.71 -10.30
CA GLY A 223 25.09 3.03 -8.89
C GLY A 223 23.67 3.27 -8.40
N LEU A 224 22.70 3.17 -9.32
CA LEU A 224 21.31 3.52 -9.04
C LEU A 224 20.71 2.84 -7.80
N GLY A 225 20.95 1.54 -7.63
CA GLY A 225 20.46 0.85 -6.44
C GLY A 225 20.99 1.42 -5.13
N LEU A 226 22.06 2.20 -5.19
CA LEU A 226 22.59 2.81 -3.97
C LEU A 226 21.64 3.87 -3.41
N ARG A 227 20.74 4.37 -4.25
CA ARG A 227 19.76 5.35 -3.80
C ARG A 227 18.94 4.78 -2.65
N GLN A 228 18.42 3.56 -2.82
CA GLN A 228 17.64 2.94 -1.74
C GLN A 228 18.53 2.37 -0.66
N ALA A 229 19.63 1.75 -1.06
CA ALA A 229 20.55 1.14 -0.12
C ALA A 229 21.10 2.12 0.92
N ILE A 230 21.58 3.27 0.47
CA ILE A 230 22.17 4.22 1.41
C ILE A 230 21.09 4.78 2.33
N THR A 231 19.90 5.03 1.77
CA THR A 231 18.82 5.55 2.58
C THR A 231 18.49 4.56 3.70
N LYS A 232 18.34 3.30 3.34
CA LYS A 232 17.98 2.28 4.33
C LYS A 232 19.07 2.14 5.39
N GLU A 233 20.33 2.28 4.99
CA GLU A 233 21.41 2.29 5.99
C GLU A 233 21.24 3.44 6.99
N VAL A 234 20.86 4.61 6.51
CA VAL A 234 20.61 5.71 7.42
C VAL A 234 19.39 5.43 8.29
N LEU A 235 18.31 4.91 7.70
CA LEU A 235 17.12 4.58 8.46
C LEU A 235 17.43 3.55 9.56
N LYS A 236 18.24 2.55 9.20
CA LYS A 236 18.69 1.54 10.18
C LYS A 236 19.49 2.17 11.31
N GLN A 237 20.45 3.02 10.97
CA GLN A 237 21.26 3.65 12.00
C GLN A 237 20.38 4.44 12.96
N GLU A 238 19.35 5.09 12.44
CA GLU A 238 18.51 5.93 13.30
C GLU A 238 17.40 5.15 13.98
N LYS A 239 17.38 3.84 13.78
CA LYS A 239 16.44 2.93 14.45
C LYS A 239 15.02 3.12 13.98
N ILE A 240 14.85 3.68 12.78
CA ILE A 240 13.54 3.87 12.21
C ILE A 240 13.03 2.55 11.64
N ILE A 241 13.90 1.81 10.96
CA ILE A 241 13.57 0.48 10.50
C ILE A 241 14.57 -0.50 11.12
N PRO A 242 14.20 -1.79 11.20
CA PRO A 242 15.11 -2.83 11.68
C PRO A 242 16.28 -3.08 10.71
N GLU B 1 -14.91 -21.54 -13.43
CA GLU B 1 -14.33 -22.85 -13.67
C GLU B 1 -13.29 -23.16 -12.61
N TRP B 2 -13.45 -24.30 -11.92
CA TRP B 2 -12.59 -24.67 -10.81
C TRP B 2 -11.72 -25.88 -11.12
N GLN B 3 -10.56 -25.91 -10.49
CA GLN B 3 -9.65 -27.03 -10.64
C GLN B 3 -9.11 -27.43 -9.28
N GLU B 4 -9.08 -28.73 -9.01
CA GLU B 4 -8.55 -29.23 -7.75
C GLU B 4 -7.11 -29.66 -7.96
N ASN B 5 -6.22 -29.19 -7.08
CA ASN B 5 -4.81 -29.55 -7.07
C ASN B 5 -4.44 -30.04 -5.68
N LYS B 6 -4.63 -31.34 -5.42
CA LYS B 6 -4.37 -31.88 -4.09
C LYS B 6 -2.88 -31.92 -3.74
N SER B 7 -2.01 -31.68 -4.72
CA SER B 7 -0.58 -31.68 -4.42
C SER B 7 -0.27 -30.64 -3.35
N TRP B 8 -1.04 -29.54 -3.32
CA TRP B 8 -0.89 -28.50 -2.31
C TRP B 8 -1.03 -29.03 -0.89
N ASN B 9 -1.69 -30.17 -0.75
CA ASN B 9 -1.88 -30.77 0.57
C ASN B 9 -0.57 -31.09 1.26
N ALA B 10 0.48 -31.30 0.46
CA ALA B 10 1.84 -31.49 0.98
C ALA B 10 2.24 -30.37 1.96
N HIS B 11 1.88 -29.14 1.63
CA HIS B 11 2.30 -28.00 2.43
C HIS B 11 1.56 -28.00 3.76
N PHE B 12 0.38 -28.61 3.80
CA PHE B 12 -0.36 -28.66 5.06
C PHE B 12 0.23 -29.69 6.01
N THR B 13 0.47 -30.89 5.48
CA THR B 13 0.93 -32.00 6.31
C THR B 13 2.38 -31.85 6.75
N GLU B 14 3.18 -31.12 5.96
CA GLU B 14 4.57 -30.85 6.33
C GLU B 14 4.63 -30.19 7.70
N HIS B 15 3.53 -29.55 8.07
CA HIS B 15 3.38 -28.99 9.40
C HIS B 15 2.30 -29.71 10.17
N LYS B 16 1.99 -30.91 9.70
CA LYS B 16 0.96 -31.77 10.29
C LYS B 16 -0.28 -30.97 10.60
N SER B 17 -0.80 -30.29 9.59
CA SER B 17 -1.99 -29.47 9.73
C SER B 17 -3.00 -29.79 8.65
N GLN B 18 -4.17 -29.19 8.75
CA GLN B 18 -5.20 -29.43 7.77
C GLN B 18 -5.91 -28.14 7.42
N GLY B 19 -6.24 -27.99 6.14
CA GLY B 19 -6.98 -26.83 5.71
C GLY B 19 -7.08 -26.71 4.21
N VAL B 20 -7.50 -25.53 3.76
CA VAL B 20 -7.75 -25.30 2.34
C VAL B 20 -7.16 -23.96 1.93
N VAL B 21 -6.61 -23.92 0.72
CA VAL B 21 -6.22 -22.67 0.08
C VAL B 21 -7.04 -22.54 -1.18
N VAL B 22 -7.64 -21.37 -1.40
CA VAL B 22 -8.34 -21.13 -2.63
C VAL B 22 -7.71 -19.97 -3.38
N LEU B 23 -7.39 -20.19 -4.66
CA LEU B 23 -6.89 -19.11 -5.49
C LEU B 23 -7.82 -18.79 -6.64
N TRP B 24 -7.82 -17.53 -7.05
CA TRP B 24 -8.63 -17.12 -8.19
C TRP B 24 -7.81 -16.22 -9.09
N ASN B 25 -7.59 -16.72 -10.30
CA ASN B 25 -6.86 -15.97 -11.32
C ASN B 25 -7.82 -14.97 -11.95
N GLU B 26 -7.66 -13.68 -11.66
CA GLU B 26 -8.65 -12.72 -12.12
C GLU B 26 -8.67 -12.58 -13.65
N ASN B 27 -7.50 -12.51 -14.25
CA ASN B 27 -7.38 -12.44 -15.71
C ASN B 27 -8.05 -13.62 -16.39
N LYS B 28 -7.68 -14.82 -15.98
CA LYS B 28 -8.24 -16.02 -16.61
C LYS B 28 -9.68 -16.38 -16.18
N GLN B 29 -10.30 -15.60 -15.29
CA GLN B 29 -11.44 -16.11 -14.47
C GLN B 29 -11.37 -17.59 -14.12
N GLN B 30 -10.26 -18.03 -13.53
CA GLN B 30 -10.16 -19.43 -13.15
C GLN B 30 -9.81 -19.58 -11.68
N GLY B 31 -10.38 -20.60 -11.06
CA GLY B 31 -10.09 -20.94 -9.68
C GLY B 31 -9.36 -22.26 -9.47
N PHE B 32 -8.56 -22.30 -8.40
CA PHE B 32 -7.77 -23.47 -8.01
C PHE B 32 -7.84 -23.69 -6.50
N THR B 33 -7.93 -24.95 -6.08
CA THR B 33 -7.91 -25.26 -4.65
C THR B 33 -7.38 -26.67 -4.43
N ASN B 34 -6.91 -26.96 -3.22
CA ASN B 34 -6.51 -28.31 -2.84
C ASN B 34 -7.68 -29.17 -2.40
N ASN B 35 -8.81 -28.53 -2.06
CA ASN B 35 -9.97 -29.23 -1.51
C ASN B 35 -11.28 -28.50 -1.84
N LEU B 36 -11.94 -28.91 -2.93
CA LEU B 36 -13.20 -28.30 -3.37
C LEU B 36 -14.26 -28.30 -2.28
N LYS B 37 -14.33 -29.36 -1.49
CA LYS B 37 -15.34 -29.42 -0.45
C LYS B 37 -15.02 -28.46 0.71
N ARG B 38 -13.79 -28.43 1.17
CA ARG B 38 -13.51 -27.53 2.28
C ARG B 38 -13.57 -26.09 1.78
N ALA B 39 -13.27 -25.90 0.50
CA ALA B 39 -13.32 -24.57 -0.09
C ALA B 39 -14.73 -23.97 0.06
N ASN B 40 -15.74 -24.83 0.16
CA ASN B 40 -17.11 -24.37 0.27
C ASN B 40 -17.72 -24.53 1.67
N GLN B 41 -16.93 -25.06 2.58
CA GLN B 41 -17.36 -25.17 3.96
C GLN B 41 -17.40 -23.81 4.65
N ALA B 42 -18.51 -23.51 5.31
CA ALA B 42 -18.67 -22.20 5.92
C ALA B 42 -18.19 -22.20 7.37
N PHE B 43 -17.50 -21.13 7.75
CA PHE B 43 -17.03 -20.94 9.12
C PHE B 43 -17.36 -19.52 9.61
N LEU B 44 -17.18 -19.27 10.90
CA LEU B 44 -17.16 -17.90 11.38
C LEU B 44 -16.01 -17.17 10.68
N PRO B 45 -16.26 -15.96 10.16
CA PRO B 45 -15.19 -15.17 9.54
C PRO B 45 -14.11 -14.77 10.52
N ALA B 46 -14.48 -14.72 11.80
CA ALA B 46 -13.66 -14.14 12.85
C ALA B 46 -13.13 -12.80 12.38
N SER B 47 -11.86 -12.51 12.66
CA SER B 47 -11.32 -11.18 12.34
C SER B 47 -11.24 -10.83 10.85
N THR B 48 -11.46 -11.79 9.94
CA THR B 48 -11.58 -11.41 8.54
C THR B 48 -12.81 -10.52 8.36
N PHE B 49 -13.70 -10.55 9.35
CA PHE B 49 -14.88 -9.71 9.28
C PHE B 49 -14.52 -8.24 9.49
N KCX B 50 -13.30 -7.95 9.92
CA KCX B 50 -12.89 -6.58 10.05
CB KCX B 50 -11.54 -6.39 10.68
CG KCX B 50 -11.59 -6.81 12.12
CD KCX B 50 -10.29 -6.56 12.85
CE KCX B 50 -10.53 -6.55 14.34
NZ KCX B 50 -10.79 -7.83 14.87
C KCX B 50 -12.90 -5.88 8.72
O KCX B 50 -12.96 -4.67 8.70
CX KCX B 50 -12.00 -8.30 14.95
OQ1 KCX B 50 -12.25 -9.41 15.19
OQ2 KCX B 50 -13.04 -7.59 14.78
N ILE B 51 -12.88 -6.62 7.63
CA ILE B 51 -12.95 -5.97 6.31
C ILE B 51 -14.36 -5.38 6.06
N PRO B 52 -15.43 -6.21 6.10
CA PRO B 52 -16.69 -5.50 5.84
C PRO B 52 -17.04 -4.56 6.99
N ASN B 53 -16.65 -4.94 8.20
CA ASN B 53 -16.92 -4.09 9.35
C ASN B 53 -16.29 -2.69 9.20
N SER B 54 -15.04 -2.63 8.72
CA SER B 54 -14.39 -1.35 8.42
C SER B 54 -15.13 -0.60 7.34
N LEU B 55 -15.51 -1.33 6.29
CA LEU B 55 -16.24 -0.73 5.17
C LEU B 55 -17.49 -0.03 5.68
N ILE B 56 -18.21 -0.72 6.56
CA ILE B 56 -19.48 -0.22 7.06
C ILE B 56 -19.29 1.04 7.89
N ALA B 57 -18.49 0.92 8.94
CA ALA B 57 -18.15 2.03 9.82
C ALA B 57 -17.71 3.28 9.07
N LEU B 58 -16.88 3.11 8.05
CA LEU B 58 -16.40 4.25 7.29
C LEU B 58 -17.52 4.94 6.53
N ASP B 59 -18.41 4.13 5.97
CA ASP B 59 -19.42 4.69 5.09
C ASP B 59 -20.52 5.37 5.90
N LEU B 60 -20.68 4.93 7.14
CA LEU B 60 -21.67 5.51 8.04
C LEU B 60 -21.11 6.76 8.69
N GLY B 61 -19.83 6.73 9.07
CA GLY B 61 -19.19 7.87 9.69
C GLY B 61 -18.78 7.52 11.11
N VAL B 62 -18.89 6.24 11.44
CA VAL B 62 -18.42 5.74 12.71
C VAL B 62 -16.93 6.00 12.80
N VAL B 63 -16.26 5.78 11.66
CA VAL B 63 -14.86 6.12 11.50
C VAL B 63 -14.77 7.20 10.45
N LYS B 64 -14.13 8.32 10.79
CA LYS B 64 -14.01 9.44 9.87
C LYS B 64 -12.91 9.22 8.84
N ASP B 65 -11.77 8.68 9.27
CA ASP B 65 -10.68 8.37 8.35
C ASP B 65 -9.68 7.43 9.01
N GLU B 66 -8.61 7.09 8.29
CA GLU B 66 -7.68 6.09 8.77
C GLU B 66 -6.72 6.64 9.84
N HIS B 67 -6.75 7.96 10.06
CA HIS B 67 -5.93 8.61 11.08
C HIS B 67 -6.68 8.72 12.41
N GLN B 68 -8.00 8.72 12.36
CA GLN B 68 -8.82 8.83 13.59
C GLN B 68 -8.33 7.89 14.68
N VAL B 69 -8.09 8.44 15.87
CA VAL B 69 -7.54 7.66 16.97
C VAL B 69 -8.64 7.12 17.89
N PHE B 70 -8.60 5.81 18.11
CA PHE B 70 -9.52 5.16 19.03
C PHE B 70 -8.72 4.77 20.24
N LYS B 71 -8.92 5.51 21.33
CA LYS B 71 -8.10 5.38 22.52
C LYS B 71 -8.36 4.07 23.22
N TRP B 72 -7.32 3.45 23.75
CA TRP B 72 -7.47 2.28 24.60
C TRP B 72 -8.40 2.57 25.79
N ASP B 73 -9.17 1.57 26.21
CA ASP B 73 -10.12 1.77 27.31
C ASP B 73 -9.53 1.37 28.66
N GLY B 74 -8.26 0.97 28.66
CA GLY B 74 -7.59 0.62 29.90
C GLY B 74 -7.71 -0.83 30.35
N GLN B 75 -8.59 -1.57 29.68
CA GLN B 75 -8.76 -2.99 29.98
C GLN B 75 -7.61 -3.81 29.41
N THR B 76 -6.84 -4.45 30.28
CA THR B 76 -5.72 -5.27 29.84
C THR B 76 -6.15 -6.64 29.29
N ARG B 77 -6.01 -6.84 27.98
CA ARG B 77 -6.43 -8.08 27.36
C ARG B 77 -5.23 -8.96 27.03
N ASP B 78 -5.48 -10.16 26.52
CA ASP B 78 -4.41 -11.14 26.40
C ASP B 78 -3.42 -10.87 25.27
N ILE B 79 -3.78 -10.02 24.32
CA ILE B 79 -2.85 -9.67 23.25
C ILE B 79 -2.31 -8.28 23.51
N ALA B 80 -1.00 -8.20 23.76
CA ALA B 80 -0.40 -6.95 24.21
C ALA B 80 -0.74 -5.78 23.31
N THR B 81 -0.64 -5.99 21.99
CA THR B 81 -0.83 -4.94 21.02
C THR B 81 -2.23 -4.33 21.01
N TRP B 82 -3.18 -4.98 21.68
CA TRP B 82 -4.53 -4.41 21.80
C TRP B 82 -4.57 -3.33 22.87
N ASN B 83 -3.61 -3.39 23.80
CA ASN B 83 -3.64 -2.51 24.97
C ASN B 83 -2.89 -1.20 24.72
N ARG B 84 -3.45 -0.37 23.84
CA ARG B 84 -2.83 0.88 23.42
C ARG B 84 -3.83 1.57 22.52
N ASP B 85 -3.50 2.77 22.05
CA ASP B 85 -4.39 3.46 21.11
C ASP B 85 -4.21 2.95 19.69
N HIS B 86 -5.28 3.02 18.91
CA HIS B 86 -5.22 2.56 17.53
C HIS B 86 -5.95 3.49 16.58
N ASN B 87 -5.49 3.49 15.34
CA ASN B 87 -6.27 4.02 14.25
C ASN B 87 -6.72 2.83 13.40
N LEU B 88 -7.42 3.07 12.32
CA LEU B 88 -7.92 1.98 11.48
C LEU B 88 -6.80 1.09 10.94
N ILE B 89 -5.64 1.67 10.67
CA ILE B 89 -4.52 0.91 10.10
C ILE B 89 -3.96 -0.10 11.08
N THR B 90 -3.63 0.36 12.29
CA THR B 90 -3.06 -0.54 13.29
C THR B 90 -4.12 -1.48 13.86
N ALA B 91 -5.37 -1.03 13.94
CA ALA B 91 -6.44 -1.88 14.47
C ALA B 91 -6.59 -3.10 13.56
N MET B 92 -6.52 -2.86 12.26
CA MET B 92 -6.65 -3.98 11.35
C MET B 92 -5.37 -4.80 11.34
N LYS B 93 -4.23 -4.13 11.46
CA LYS B 93 -2.96 -4.83 11.46
C LYS B 93 -2.85 -5.82 12.62
N TYR B 94 -3.29 -5.40 13.80
CA TYR B 94 -3.12 -6.24 14.98
C TYR B 94 -4.41 -6.97 15.35
N SER B 95 -5.44 -6.83 14.51
CA SER B 95 -6.73 -7.48 14.72
C SER B 95 -7.29 -7.12 16.08
N VAL B 96 -7.43 -5.82 16.32
CA VAL B 96 -7.81 -5.34 17.64
C VAL B 96 -9.33 -5.41 17.81
N VAL B 97 -9.77 -6.54 18.33
CA VAL B 97 -11.19 -6.85 18.46
C VAL B 97 -11.98 -5.79 19.23
N PRO B 98 -11.52 -5.38 20.43
CA PRO B 98 -12.34 -4.39 21.15
C PRO B 98 -12.62 -3.11 20.36
N VAL B 99 -11.71 -2.69 19.49
CA VAL B 99 -11.94 -1.47 18.72
C VAL B 99 -13.06 -1.70 17.71
N TYR B 100 -13.13 -2.90 17.17
CA TYR B 100 -14.17 -3.19 16.18
C TYR B 100 -15.52 -3.54 16.82
N GLN B 101 -15.50 -4.08 18.03
CA GLN B 101 -16.75 -4.31 18.76
C GLN B 101 -17.43 -2.97 18.98
N GLU B 102 -16.63 -2.00 19.41
CA GLU B 102 -17.14 -0.65 19.62
C GLU B 102 -17.71 -0.07 18.34
N PHE B 103 -17.06 -0.30 17.19
CA PHE B 103 -17.62 0.14 15.92
C PHE B 103 -18.97 -0.53 15.67
N ALA B 104 -19.07 -1.79 16.06
CA ALA B 104 -20.26 -2.58 15.78
C ALA B 104 -21.43 -2.00 16.55
N ARG B 105 -21.20 -1.74 17.84
CA ARG B 105 -22.25 -1.19 18.69
C ARG B 105 -22.75 0.11 18.09
N GLN B 106 -21.86 0.94 17.58
CA GLN B 106 -22.28 2.19 16.98
C GLN B 106 -23.00 1.95 15.66
N ILE B 107 -22.60 0.91 14.94
CA ILE B 107 -23.26 0.61 13.68
C ILE B 107 -24.68 0.15 13.95
N GLY B 108 -24.83 -0.78 14.89
CA GLY B 108 -26.13 -1.30 15.27
C GLY B 108 -26.63 -2.38 14.32
N GLU B 109 -27.26 -3.40 14.90
CA GLU B 109 -27.71 -4.57 14.16
C GLU B 109 -28.57 -4.22 12.94
N ALA B 110 -29.35 -3.15 13.07
CA ALA B 110 -30.23 -2.71 11.99
C ALA B 110 -29.42 -2.41 10.73
N ARG B 111 -28.49 -1.47 10.83
CA ARG B 111 -27.68 -1.09 9.67
C ARG B 111 -26.68 -2.18 9.28
N MET B 112 -26.23 -2.94 10.28
CA MET B 112 -25.27 -4.01 10.05
C MET B 112 -25.87 -5.09 9.13
N SER B 113 -27.04 -5.59 9.50
CA SER B 113 -27.72 -6.62 8.71
C SER B 113 -28.01 -6.13 7.30
N LYS B 114 -28.57 -4.92 7.20
CA LYS B 114 -28.81 -4.27 5.92
C LYS B 114 -27.56 -4.30 5.05
N MET B 115 -26.44 -3.82 5.59
CA MET B 115 -25.22 -3.71 4.81
C MET B 115 -24.67 -5.06 4.35
N LEU B 116 -24.58 -6.03 5.26
CA LEU B 116 -24.07 -7.34 4.92
C LEU B 116 -24.88 -7.93 3.79
N HIS B 117 -26.21 -7.78 3.90
CA HIS B 117 -27.10 -8.21 2.85
C HIS B 117 -26.78 -7.52 1.53
N ALA B 118 -26.52 -6.22 1.59
CA ALA B 118 -26.12 -5.48 0.38
C ALA B 118 -24.79 -6.01 -0.14
N PHE B 119 -23.94 -6.45 0.78
CA PHE B 119 -22.63 -7.01 0.44
C PHE B 119 -22.74 -8.45 -0.07
N ASP B 120 -23.90 -9.07 0.11
CA ASP B 120 -24.09 -10.49 -0.22
C ASP B 120 -23.04 -11.32 0.51
N TYR B 121 -22.81 -11.00 1.78
CA TYR B 121 -21.68 -11.53 2.54
C TYR B 121 -22.00 -12.77 3.37
N GLY B 122 -21.38 -13.89 3.01
CA GLY B 122 -21.57 -15.13 3.75
C GLY B 122 -23.03 -15.51 3.78
N ASN B 123 -23.54 -15.87 4.96
CA ASN B 123 -24.98 -16.15 5.08
C ASN B 123 -25.76 -14.92 5.56
N GLU B 124 -25.15 -13.74 5.48
CA GLU B 124 -25.81 -12.46 5.80
C GLU B 124 -26.49 -12.43 7.17
N ASP B 125 -26.19 -13.40 8.00
CA ASP B 125 -26.91 -13.62 9.25
C ASP B 125 -26.14 -13.08 10.43
N ILE B 126 -26.60 -11.98 11.00
CA ILE B 126 -25.88 -11.37 12.11
C ILE B 126 -26.38 -11.80 13.49
N SER B 127 -27.08 -12.94 13.55
CA SER B 127 -27.65 -13.41 14.81
C SER B 127 -26.61 -13.56 15.93
N GLY B 128 -26.93 -13.00 17.09
CA GLY B 128 -26.06 -13.01 18.25
C GLY B 128 -25.81 -11.58 18.70
N ASN B 129 -24.94 -11.42 19.70
CA ASN B 129 -24.50 -10.10 20.15
C ASN B 129 -24.01 -9.25 18.98
N VAL B 130 -24.42 -8.00 18.94
CA VAL B 130 -24.10 -7.15 17.80
C VAL B 130 -22.62 -6.76 17.81
N ASP B 131 -21.90 -7.17 18.85
CA ASP B 131 -20.48 -6.84 18.96
C ASP B 131 -19.64 -8.08 19.18
N SER B 132 -20.15 -9.24 18.76
CA SER B 132 -19.41 -10.47 18.91
C SER B 132 -19.96 -11.59 18.03
N PHE B 133 -20.86 -11.24 17.11
CA PHE B 133 -21.50 -12.28 16.31
C PHE B 133 -20.54 -12.92 15.29
N TRP B 134 -19.54 -12.16 14.84
CA TRP B 134 -18.60 -12.70 13.85
C TRP B 134 -17.57 -13.59 14.52
N LEU B 135 -17.56 -13.60 15.85
CA LEU B 135 -16.65 -14.44 16.60
C LEU B 135 -17.38 -15.58 17.28
N ASP B 136 -18.65 -15.37 17.64
CA ASP B 136 -19.39 -16.46 18.28
C ASP B 136 -20.89 -16.47 17.97
N GLY B 137 -21.29 -15.86 16.86
CA GLY B 137 -22.69 -15.82 16.50
C GLY B 137 -23.02 -16.68 15.29
N GLY B 138 -23.90 -16.16 14.43
CA GLY B 138 -24.48 -16.96 13.37
C GLY B 138 -24.06 -16.60 11.96
N ILE B 139 -23.15 -15.64 11.83
CA ILE B 139 -22.59 -15.35 10.52
C ILE B 139 -21.67 -16.51 10.13
N ARG B 140 -21.72 -16.88 8.86
CA ARG B 140 -20.91 -17.96 8.35
C ARG B 140 -20.44 -17.61 6.96
N ILE B 141 -19.23 -18.03 6.61
CA ILE B 141 -18.73 -17.74 5.28
C ILE B 141 -17.68 -18.75 4.90
N SER B 142 -17.65 -19.11 3.64
CA SER B 142 -16.66 -20.04 3.14
C SER B 142 -15.54 -19.31 2.40
N ALA B 143 -14.42 -20.01 2.22
CA ALA B 143 -13.31 -19.49 1.43
C ALA B 143 -13.76 -18.99 0.07
N THR B 144 -14.62 -19.76 -0.61
CA THR B 144 -15.05 -19.33 -1.94
C THR B 144 -15.91 -18.09 -1.82
N GLU B 145 -16.71 -18.00 -0.77
CA GLU B 145 -17.52 -16.82 -0.57
C GLU B 145 -16.65 -15.61 -0.20
N GLN B 146 -15.54 -15.87 0.49
CA GLN B 146 -14.58 -14.79 0.78
C GLN B 146 -14.08 -14.16 -0.51
N ILE B 147 -13.73 -15.01 -1.48
CA ILE B 147 -13.14 -14.53 -2.72
C ILE B 147 -14.17 -13.74 -3.52
N SER B 148 -15.43 -14.19 -3.51
CA SER B 148 -16.51 -13.44 -4.16
C SER B 148 -16.61 -12.00 -3.60
N PHE B 149 -16.70 -11.90 -2.28
CA PHE B 149 -16.73 -10.60 -1.61
C PHE B 149 -15.50 -9.77 -1.95
N LEU B 150 -14.30 -10.32 -1.72
CA LEU B 150 -13.07 -9.56 -1.98
C LEU B 150 -12.99 -9.03 -3.42
N ARG B 151 -13.56 -9.76 -4.38
CA ARG B 151 -13.43 -9.35 -5.78
C ARG B 151 -14.26 -8.09 -6.04
N LYS B 152 -15.38 -7.97 -5.33
CA LYS B 152 -16.20 -6.76 -5.40
C LYS B 152 -15.44 -5.59 -4.80
N LEU B 153 -14.87 -5.82 -3.62
CA LEU B 153 -14.05 -4.80 -2.94
C LEU B 153 -12.93 -4.35 -3.85
N TYR B 154 -12.22 -5.32 -4.41
CA TYR B 154 -11.14 -4.97 -5.34
C TYR B 154 -11.65 -4.02 -6.45
N HIS B 155 -12.82 -4.32 -7.04
CA HIS B 155 -13.30 -3.53 -8.16
C HIS B 155 -14.13 -2.31 -7.77
N ASN B 156 -14.20 -2.02 -6.47
CA ASN B 156 -14.99 -0.91 -5.94
C ASN B 156 -16.49 -1.08 -6.23
N LYS B 157 -16.94 -2.33 -6.31
CA LYS B 157 -18.31 -2.63 -6.70
C LYS B 157 -19.26 -2.71 -5.52
N LEU B 158 -18.72 -2.76 -4.30
CA LEU B 158 -19.58 -2.86 -3.13
C LEU B 158 -20.45 -1.62 -3.01
N HIS B 159 -21.61 -1.74 -2.41
CA HIS B 159 -22.56 -0.63 -2.39
C HIS B 159 -22.19 0.36 -1.29
N VAL B 160 -20.97 0.89 -1.40
CA VAL B 160 -20.45 1.92 -0.49
C VAL B 160 -19.63 2.87 -1.30
N SER B 161 -19.13 3.94 -0.69
CA SER B 161 -18.38 4.92 -1.46
C SER B 161 -17.09 4.29 -1.96
N GLU B 162 -16.58 4.81 -3.07
CA GLU B 162 -15.26 4.47 -3.56
C GLU B 162 -14.22 4.76 -2.46
N ARG B 163 -14.47 5.83 -1.70
CA ARG B 163 -13.55 6.28 -0.68
C ARG B 163 -13.38 5.25 0.41
N SER B 164 -14.51 4.82 0.98
CA SER B 164 -14.48 3.80 2.01
C SER B 164 -13.73 2.56 1.51
N GLN B 165 -13.96 2.21 0.25
CA GLN B 165 -13.35 1.02 -0.31
C GLN B 165 -11.86 1.27 -0.46
N ARG B 166 -11.50 2.45 -0.94
CA ARG B 166 -10.10 2.79 -1.11
C ARG B 166 -9.37 2.76 0.23
N ILE B 167 -10.00 3.30 1.27
CA ILE B 167 -9.37 3.34 2.57
C ILE B 167 -9.19 1.93 3.14
N VAL B 168 -10.20 1.09 3.01
CA VAL B 168 -10.09 -0.25 3.57
C VAL B 168 -8.99 -1.03 2.83
N LYS B 169 -8.89 -0.85 1.54
CA LYS B 169 -7.84 -1.53 0.79
C LYS B 169 -6.47 -1.02 1.20
N GLN B 170 -6.39 0.24 1.60
CA GLN B 170 -5.12 0.73 2.13
C GLN B 170 -4.81 0.04 3.44
N ALA B 171 -5.84 -0.16 4.27
CA ALA B 171 -5.65 -0.76 5.59
C ALA B 171 -5.38 -2.25 5.53
N MET B 172 -5.74 -2.86 4.41
CA MET B 172 -5.44 -4.27 4.20
C MET B 172 -3.99 -4.53 3.80
N LEU B 173 -3.24 -3.45 3.52
CA LEU B 173 -1.87 -3.59 3.05
C LEU B 173 -1.07 -4.41 4.07
N THR B 174 -0.47 -5.49 3.59
CA THR B 174 0.23 -6.42 4.47
C THR B 174 1.70 -6.56 4.08
N GLU B 175 1.94 -6.67 2.78
CA GLU B 175 3.30 -6.86 2.31
C GLU B 175 3.42 -6.26 0.90
N ALA B 176 4.57 -5.64 0.62
CA ALA B 176 4.79 -5.08 -0.71
C ALA B 176 6.28 -5.07 -1.02
N ASN B 177 6.63 -5.42 -2.25
CA ASN B 177 8.01 -5.32 -2.70
C ASN B 177 7.98 -5.13 -4.20
N GLY B 178 9.13 -5.23 -4.85
CA GLY B 178 9.19 -5.05 -6.29
C GLY B 178 8.50 -6.15 -7.09
N ASP B 179 8.18 -7.27 -6.45
CA ASP B 179 7.57 -8.39 -7.15
C ASP B 179 6.05 -8.48 -6.98
N TYR B 180 5.55 -8.01 -5.84
CA TYR B 180 4.12 -8.16 -5.61
C TYR B 180 3.63 -7.31 -4.46
N ILE B 181 2.30 -7.19 -4.39
CA ILE B 181 1.62 -6.55 -3.26
C ILE B 181 0.58 -7.51 -2.70
N ILE B 182 0.57 -7.66 -1.39
CA ILE B 182 -0.48 -8.41 -0.74
C ILE B 182 -1.32 -7.48 0.11
N ARG B 183 -2.63 -7.47 -0.17
CA ARG B 183 -3.63 -6.83 0.67
C ARG B 183 -4.47 -7.96 1.24
N ALA B 184 -4.52 -8.07 2.55
CA ALA B 184 -5.15 -9.25 3.15
C ALA B 184 -5.56 -9.01 4.57
N LYS B 185 -6.23 -10.00 5.15
CA LYS B 185 -6.68 -9.91 6.52
C LYS B 185 -6.62 -11.28 7.15
N THR B 186 -6.05 -11.37 8.33
CA THR B 186 -6.00 -12.63 9.07
C THR B 186 -7.26 -12.81 9.91
N GLY B 187 -7.48 -14.03 10.37
CA GLY B 187 -8.56 -14.28 11.31
C GLY B 187 -8.18 -15.46 12.17
N TYR B 188 -8.65 -15.43 13.42
CA TYR B 188 -8.49 -16.56 14.34
C TYR B 188 -9.82 -16.77 15.04
N SER B 189 -10.48 -17.88 14.73
CA SER B 189 -11.76 -18.19 15.35
C SER B 189 -11.52 -19.17 16.48
N THR B 190 -11.63 -18.70 17.72
CA THR B 190 -11.36 -19.54 18.90
C THR B 190 -12.57 -19.87 19.76
N ARG B 191 -13.54 -18.97 19.79
CA ARG B 191 -14.67 -19.08 20.69
C ARG B 191 -15.55 -20.31 20.46
N ILE B 192 -15.67 -20.74 19.21
CA ILE B 192 -16.50 -21.91 18.86
C ILE B 192 -15.72 -22.94 18.07
N GLU B 193 -15.80 -24.20 18.48
CA GLU B 193 -15.16 -25.27 17.72
C GLU B 193 -15.86 -25.39 16.38
N PRO B 194 -15.13 -25.80 15.32
CA PRO B 194 -13.69 -26.04 15.28
C PRO B 194 -12.90 -24.72 15.27
N LYS B 195 -11.78 -24.70 15.95
CA LYS B 195 -10.95 -23.51 15.96
C LYS B 195 -10.16 -23.44 14.67
N ILE B 196 -10.31 -22.35 13.91
CA ILE B 196 -9.57 -22.22 12.66
C ILE B 196 -8.86 -20.87 12.52
N GLY B 197 -7.81 -20.85 11.71
CA GLY B 197 -7.19 -19.61 11.30
C GLY B 197 -7.57 -19.30 9.87
N TRP B 198 -7.73 -18.02 9.57
CA TRP B 198 -8.05 -17.51 8.23
C TRP B 198 -6.91 -16.62 7.72
N TRP B 199 -6.66 -16.66 6.41
CA TRP B 199 -5.96 -15.57 5.72
C TRP B 199 -6.65 -15.39 4.37
N VAL B 200 -7.18 -14.19 4.13
CA VAL B 200 -7.88 -13.93 2.87
C VAL B 200 -7.40 -12.63 2.27
N GLY B 201 -7.44 -12.50 0.96
CA GLY B 201 -6.99 -11.26 0.34
C GLY B 201 -6.65 -11.43 -1.12
N TRP B 202 -5.66 -10.69 -1.60
CA TRP B 202 -5.16 -10.88 -2.96
C TRP B 202 -3.71 -10.44 -3.15
N VAL B 203 -3.12 -10.98 -4.21
CA VAL B 203 -1.79 -10.64 -4.63
C VAL B 203 -1.86 -9.81 -5.90
N GLU B 204 -1.33 -8.60 -5.84
CA GLU B 204 -1.28 -7.73 -7.00
C GLU B 204 0.04 -7.95 -7.69
N LEU B 205 -0.01 -8.31 -8.97
CA LEU B 205 1.18 -8.34 -9.82
C LEU B 205 1.08 -7.18 -10.80
N ASP B 206 2.09 -6.97 -11.62
CA ASP B 206 2.04 -5.89 -12.63
C ASP B 206 0.84 -6.01 -13.56
N ASP B 207 0.45 -7.23 -13.88
CA ASP B 207 -0.49 -7.47 -14.99
C ASP B 207 -1.63 -8.43 -14.64
N ASN B 208 -1.73 -8.81 -13.37
CA ASN B 208 -2.79 -9.70 -12.93
C ASN B 208 -3.02 -9.53 -11.43
N VAL B 209 -4.15 -10.04 -10.94
CA VAL B 209 -4.36 -10.14 -9.52
C VAL B 209 -4.88 -11.53 -9.19
N TRP B 210 -4.22 -12.17 -8.21
CA TRP B 210 -4.69 -13.45 -7.69
C TRP B 210 -5.36 -13.28 -6.35
N PHE B 211 -6.64 -13.61 -6.27
CA PHE B 211 -7.35 -13.56 -5.00
C PHE B 211 -7.10 -14.84 -4.21
N PHE B 212 -7.10 -14.74 -2.89
CA PHE B 212 -6.89 -15.95 -2.14
C PHE B 212 -7.71 -15.95 -0.87
N ALA B 213 -8.00 -17.16 -0.42
CA ALA B 213 -8.73 -17.38 0.80
C ALA B 213 -8.29 -18.73 1.30
N MET B 214 -7.79 -18.75 2.53
CA MET B 214 -7.34 -19.98 3.13
C MET B 214 -7.89 -20.06 4.54
N ASN B 215 -8.15 -21.29 4.98
CA ASN B 215 -8.35 -21.50 6.40
C ASN B 215 -7.78 -22.85 6.75
N MET B 216 -7.46 -23.04 8.01
CA MET B 216 -6.79 -24.24 8.45
C MET B 216 -7.16 -24.47 9.90
N ASP B 217 -7.12 -25.72 10.33
CA ASP B 217 -7.41 -26.05 11.73
C ASP B 217 -6.38 -25.43 12.66
N MET B 218 -6.84 -24.72 13.68
CA MET B 218 -5.91 -23.98 14.54
C MET B 218 -6.22 -24.23 16.02
N PRO B 219 -5.80 -25.40 16.53
CA PRO B 219 -6.15 -25.75 17.91
C PRO B 219 -5.49 -24.82 18.94
N THR B 220 -4.25 -24.43 18.66
CA THR B 220 -3.49 -23.56 19.54
C THR B 220 -2.96 -22.34 18.79
N SER B 221 -2.89 -21.20 19.46
CA SER B 221 -2.37 -19.97 18.86
C SER B 221 -0.95 -20.10 18.30
N ASP B 222 -0.23 -21.13 18.73
CA ASP B 222 1.17 -21.30 18.35
C ASP B 222 1.38 -21.45 16.85
N GLY B 223 0.40 -22.01 16.15
CA GLY B 223 0.57 -22.26 14.72
C GLY B 223 0.01 -21.16 13.82
N LEU B 224 -0.30 -20.00 14.39
CA LEU B 224 -0.91 -18.92 13.63
C LEU B 224 -0.04 -18.48 12.44
N GLY B 225 1.28 -18.55 12.61
CA GLY B 225 2.21 -18.18 11.54
C GLY B 225 2.08 -19.04 10.29
N LEU B 226 1.44 -20.20 10.42
CA LEU B 226 1.35 -21.12 9.30
C LEU B 226 0.38 -20.63 8.23
N ARG B 227 -0.58 -19.81 8.65
CA ARG B 227 -1.57 -19.23 7.74
C ARG B 227 -0.86 -18.55 6.57
N GLN B 228 0.06 -17.65 6.88
CA GLN B 228 0.83 -16.97 5.84
C GLN B 228 1.86 -17.90 5.20
N ALA B 229 2.55 -18.67 6.03
CA ALA B 229 3.63 -19.52 5.53
C ALA B 229 3.15 -20.55 4.50
N ILE B 230 2.04 -21.23 4.77
CA ILE B 230 1.57 -22.24 3.83
C ILE B 230 1.02 -21.61 2.55
N THR B 231 0.25 -20.53 2.69
CA THR B 231 -0.28 -19.82 1.51
C THR B 231 0.85 -19.42 0.57
N LYS B 232 1.92 -18.88 1.13
CA LYS B 232 3.07 -18.44 0.35
C LYS B 232 3.75 -19.61 -0.35
N GLU B 233 3.83 -20.76 0.33
CA GLU B 233 4.34 -21.97 -0.30
C GLU B 233 3.49 -22.33 -1.52
N VAL B 234 2.17 -22.20 -1.36
CA VAL B 234 1.28 -22.49 -2.48
C VAL B 234 1.49 -21.44 -3.58
N LEU B 235 1.54 -20.18 -3.18
CA LEU B 235 1.82 -19.10 -4.12
C LEU B 235 3.16 -19.32 -4.85
N LYS B 236 4.19 -19.75 -4.12
CA LYS B 236 5.49 -20.00 -4.75
C LYS B 236 5.42 -21.19 -5.72
N GLN B 237 4.81 -22.28 -5.30
CA GLN B 237 4.66 -23.44 -6.17
C GLN B 237 3.97 -23.08 -7.49
N GLU B 238 2.93 -22.24 -7.43
CA GLU B 238 2.24 -21.86 -8.66
C GLU B 238 2.88 -20.68 -9.37
N LYS B 239 4.09 -20.30 -8.95
CA LYS B 239 4.88 -19.30 -9.66
C LYS B 239 4.26 -17.90 -9.65
N ILE B 240 3.41 -17.62 -8.66
CA ILE B 240 2.76 -16.31 -8.59
C ILE B 240 3.70 -15.28 -7.93
N ILE B 241 4.47 -15.73 -6.95
CA ILE B 241 5.56 -14.94 -6.37
C ILE B 241 6.86 -15.75 -6.49
N PRO B 242 8.01 -15.06 -6.41
CA PRO B 242 9.34 -15.71 -6.38
C PRO B 242 9.51 -16.70 -5.23
CL CL C . -1.72 1.33 -0.31
C6 LKW D . 17.29 6.77 -19.29
C8 LKW D . 16.02 7.19 -17.38
C10 LKW D . 14.57 7.37 -15.46
C1 LKW D . 18.04 10.03 -21.77
C3 LKW D . 17.50 7.87 -21.04
C2 LKW D . 17.51 8.76 -22.03
C12 LKW D . 15.08 6.03 -13.52
C11 LKW D . 14.28 6.97 -14.16
C9 LKW D . 15.66 6.80 -16.10
C28 LKW D . 16.46 12.52 -24.97
C27 LKW D . 17.71 11.64 -25.04
C26 LKW D . 17.65 10.68 -24.04
C29 LKW D . 18.09 10.99 -22.76
C25 LKW D . 17.15 9.40 -24.33
C24 LKW D . 17.08 8.43 -23.32
N4 LKW D . 18.22 6.75 -21.11
N5 LKW D . 18.10 6.14 -20.14
N7 LKW D . 16.87 6.42 -18.07
C23 LKW D . 16.88 7.92 -19.86
C19 LKW D . 16.04 8.75 -19.21
C20 LKW D . 15.55 9.96 -19.72
O22 LKW D . 15.69 11.02 -19.08
O21 LKW D . 14.93 9.98 -20.80
C18 LKW D . 15.60 8.40 -17.93
C13 LKW D . 14.75 5.65 -12.21
O15 LKW D . 15.17 4.57 -11.73
O14 LKW D . 14.04 6.41 -11.51
C16 LKW D . 16.16 5.46 -14.16
C17 LKW D . 16.45 5.86 -15.45
C6 LKW E . -7.68 -14.15 21.38
C8 LKW E . -7.86 -13.43 19.18
C10 LKW E . -7.88 -12.61 16.91
C1 LKW E . -11.29 -15.09 23.26
C3 LKW E . -9.12 -14.26 22.89
C2 LKW E . -10.21 -14.29 23.65
C12 LKW E . -5.95 -13.01 15.50
C11 LKW E . -7.22 -12.49 15.68
C9 LKW E . -7.24 -13.25 17.95
C28 LKW E . -14.87 -14.02 25.22
C27 LKW E . -13.66 -14.52 26.01
C26 LKW E . -12.51 -14.45 25.22
C29 LKW E . -12.44 -15.16 24.04
C25 LKW E . -11.43 -13.67 25.63
C24 LKW E . -10.27 -13.59 24.85
N4 LKW E . -7.93 -14.67 23.36
N5 LKW E . -7.13 -14.59 22.51
N7 LKW E . -7.13 -13.91 20.19
C23 LKW E . -8.98 -13.93 21.60
C19 LKW E . -9.79 -13.47 20.61
C20 LKW E . -11.16 -13.21 20.75
O22 LKW E . -12.01 -13.77 20.02
O21 LKW E . -11.55 -12.36 21.59
C18 LKW E . -9.22 -13.22 19.36
C13 LKW E . -5.30 -12.90 14.27
O15 LKW E . -4.07 -13.19 14.18
O14 LKW E . -5.94 -12.60 13.25
C16 LKW E . -5.32 -13.67 16.56
C17 LKW E . -5.97 -13.80 17.77
#